data_5FOT
#
_entry.id   5FOT
#
_cell.length_a   40.220
_cell.length_b   60.632
_cell.length_c   87.431
_cell.angle_alpha   90.00
_cell.angle_beta   90.00
_cell.angle_gamma   90.00
#
_symmetry.space_group_name_H-M   'P 21 21 21'
#
loop_
_entity.id
_entity.type
_entity.pdbx_description
1 polymer 'DNA REPAIR AND RECOMBINATION PROTEIN RADA'
2 polymer 'FHTU PEPTIDE'
3 non-polymer 'PHOSPHATE ION'
4 water water
#
loop_
_entity_poly.entity_id
_entity_poly.type
_entity_poly.pdbx_seq_one_letter_code
_entity_poly.pdbx_strand_id
1 'polypeptide(L)'
;MATIGRISTGSKSLDKLLGGGIETQAITEVFGEFGSGKTQLAHTLAVMVQLPPEEGGLNGSVMWIDTENTFRPERIREIA
QNRGLDPDEVLKHIAYARAFNSNHQMLLVQQAEDMIKELLNTDRPVKLLIVDSLTSHFRSEYIGRGALAERQQKLAKHLA
DLHRLANLYDIAVFVTNQVQANGGHILAHSATLRVYLRKGKGGKRIARLIDAPHLPEGEAVFSITEKGIED
;
A
2 'polypeptide(L)' (ACE)FHT(ABA)(NH2) C
#
# COMPACT_ATOMS: atom_id res chain seq x y z
N ALA A 2 -11.23 -2.03 -18.33
CA ALA A 2 -11.72 -3.13 -17.51
C ALA A 2 -12.12 -2.60 -16.13
N THR A 3 -13.10 -3.21 -15.49
CA THR A 3 -13.69 -2.66 -14.29
C THR A 3 -12.72 -2.70 -13.14
N ILE A 4 -12.75 -1.68 -12.32
CA ILE A 4 -11.80 -1.66 -11.21
C ILE A 4 -12.37 -2.49 -10.08
N GLY A 5 -11.48 -2.97 -9.22
CA GLY A 5 -11.83 -3.65 -8.00
C GLY A 5 -11.54 -2.75 -6.83
N ARG A 6 -12.17 -3.07 -5.72
N ARG A 6 -12.13 -3.09 -5.69
CA ARG A 6 -11.88 -2.38 -4.50
CA ARG A 6 -12.03 -2.31 -4.46
C ARG A 6 -11.50 -3.38 -3.44
C ARG A 6 -11.75 -3.17 -3.21
N ILE A 7 -10.60 -2.94 -2.56
CA ILE A 7 -10.17 -3.73 -1.40
C ILE A 7 -10.58 -3.00 -0.14
N SER A 8 -11.43 -3.64 0.64
CA SER A 8 -11.74 -3.07 1.95
C SER A 8 -10.52 -2.99 2.85
N THR A 9 -10.51 -1.94 3.64
CA THR A 9 -9.46 -1.71 4.62
C THR A 9 -9.74 -2.35 5.96
N GLY A 10 -10.96 -2.80 6.18
CA GLY A 10 -11.36 -3.30 7.49
C GLY A 10 -12.10 -2.28 8.35
N SER A 11 -11.99 -1.01 8.00
CA SER A 11 -12.72 0.07 8.69
C SER A 11 -13.83 0.58 7.79
N LYS A 12 -15.07 0.55 8.28
N LYS A 12 -15.07 0.58 8.26
CA LYS A 12 -16.22 1.05 7.50
CA LYS A 12 -16.16 1.05 7.41
C LYS A 12 -16.05 2.54 7.23
C LYS A 12 -16.06 2.56 7.21
N SER A 13 -15.55 3.26 8.21
CA SER A 13 -15.31 4.67 8.06
C SER A 13 -14.29 4.98 6.97
N LEU A 14 -13.15 4.30 6.99
CA LEU A 14 -12.13 4.53 5.98
C LEU A 14 -12.63 4.05 4.62
N ASP A 15 -13.34 2.94 4.59
CA ASP A 15 -13.91 2.47 3.32
C ASP A 15 -14.85 3.51 2.73
N LYS A 16 -15.70 4.11 3.56
CA LYS A 16 -16.61 5.11 3.04
C LYS A 16 -15.85 6.31 2.46
N LEU A 17 -14.81 6.75 3.17
CA LEU A 17 -13.97 7.85 2.70
C LEU A 17 -13.40 7.52 1.32
N LEU A 18 -13.07 6.23 1.11
CA LEU A 18 -12.43 5.72 -0.10
C LEU A 18 -13.41 5.26 -1.17
N GLY A 19 -14.71 5.46 -0.96
CA GLY A 19 -15.67 5.01 -1.97
C GLY A 19 -15.80 3.50 -2.07
N GLY A 20 -15.42 2.78 -1.01
CA GLY A 20 -15.60 1.36 -0.93
C GLY A 20 -14.33 0.63 -0.56
N GLY A 21 -13.18 1.26 -0.78
CA GLY A 21 -11.92 0.62 -0.50
C GLY A 21 -10.86 1.14 -1.44
N ILE A 22 -9.62 0.68 -1.30
N ILE A 22 -9.68 0.56 -1.32
CA ILE A 22 -8.60 1.14 -2.23
CA ILE A 22 -8.53 0.89 -2.13
C ILE A 22 -8.85 0.47 -3.55
C ILE A 22 -8.75 0.37 -3.57
N GLU A 23 -8.52 1.19 -4.59
CA GLU A 23 -8.85 0.81 -5.98
C GLU A 23 -7.70 0.10 -6.67
N THR A 24 -8.05 -0.89 -7.48
CA THR A 24 -7.13 -1.36 -8.51
C THR A 24 -7.01 -0.33 -9.62
N GLN A 25 -5.98 -0.48 -10.44
CA GLN A 25 -5.71 0.47 -11.53
C GLN A 25 -5.50 1.88 -10.95
N ALA A 26 -4.84 1.92 -9.80
CA ALA A 26 -4.58 3.17 -9.09
C ALA A 26 -3.39 2.97 -8.18
N ILE A 27 -2.69 4.05 -7.91
CA ILE A 27 -1.73 4.12 -6.81
C ILE A 27 -2.33 4.98 -5.70
N THR A 28 -2.50 4.36 -4.54
CA THR A 28 -2.93 5.08 -3.34
C THR A 28 -1.72 5.30 -2.46
N GLU A 29 -1.43 6.58 -2.17
CA GLU A 29 -0.34 6.94 -1.30
C GLU A 29 -0.92 7.33 0.04
N VAL A 30 -0.46 6.67 1.11
N VAL A 30 -0.43 6.70 1.11
CA VAL A 30 -0.70 7.16 2.47
CA VAL A 30 -0.71 7.14 2.46
C VAL A 30 0.55 7.89 2.91
C VAL A 30 0.53 7.84 3.00
N PHE A 31 0.35 9.04 3.53
CA PHE A 31 1.45 9.83 4.02
C PHE A 31 1.12 10.39 5.38
N GLY A 32 2.17 10.59 6.18
CA GLY A 32 2.00 11.10 7.52
C GLY A 32 3.27 10.88 8.31
N GLU A 33 3.26 11.36 9.55
CA GLU A 33 4.45 11.26 10.39
C GLU A 33 4.73 9.83 10.80
N PHE A 34 5.97 9.61 11.28
CA PHE A 34 6.34 8.35 11.89
C PHE A 34 5.29 8.00 12.95
N GLY A 35 4.85 6.73 12.95
CA GLY A 35 3.90 6.25 13.93
C GLY A 35 2.44 6.47 13.62
N SER A 36 2.15 7.02 12.44
N SER A 36 2.12 6.99 12.44
CA SER A 36 0.78 7.32 12.07
CA SER A 36 0.73 7.32 12.08
C SER A 36 -0.06 6.07 11.87
C SER A 36 -0.08 6.12 11.55
N GLY A 37 0.56 4.96 11.44
CA GLY A 37 -0.17 3.76 11.08
C GLY A 37 -0.10 3.35 9.63
N LYS A 38 0.80 3.96 8.85
CA LYS A 38 0.88 3.65 7.42
C LYS A 38 1.20 2.18 7.18
N THR A 39 2.19 1.64 7.89
CA THR A 39 2.57 0.26 7.75
C THR A 39 1.54 -0.70 8.33
N GLN A 40 0.81 -0.29 9.37
CA GLN A 40 -0.33 -1.09 9.84
C GLN A 40 -1.39 -1.24 8.76
N LEU A 41 -1.71 -0.16 8.05
CA LEU A 41 -2.67 -0.26 6.96
C LEU A 41 -2.16 -1.19 5.86
N ALA A 42 -0.87 -1.13 5.55
CA ALA A 42 -0.31 -2.02 4.56
C ALA A 42 -0.47 -3.47 4.97
N HIS A 43 -0.12 -3.81 6.22
CA HIS A 43 -0.28 -5.18 6.72
C HIS A 43 -1.75 -5.61 6.63
N THR A 44 -2.66 -4.73 7.03
CA THR A 44 -4.07 -5.05 6.98
C THR A 44 -4.55 -5.35 5.56
N LEU A 45 -4.18 -4.50 4.61
CA LEU A 45 -4.55 -4.68 3.21
C LEU A 45 -4.00 -5.98 2.65
N ALA A 46 -2.79 -6.36 3.07
CA ALA A 46 -2.17 -7.59 2.57
C ALA A 46 -2.97 -8.86 2.98
N VAL A 47 -3.77 -8.75 4.05
CA VAL A 47 -4.68 -9.82 4.43
C VAL A 47 -6.04 -9.60 3.76
N MET A 48 -6.58 -8.39 3.84
CA MET A 48 -7.93 -8.14 3.29
C MET A 48 -8.05 -8.51 1.81
N VAL A 49 -7.02 -8.23 1.02
CA VAL A 49 -7.12 -8.48 -0.41
C VAL A 49 -7.31 -9.98 -0.71
N GLN A 50 -6.89 -10.85 0.21
CA GLN A 50 -6.95 -12.28 0.01
C GLN A 50 -8.34 -12.84 0.27
N LEU A 51 -9.23 -12.07 0.90
CA LEU A 51 -10.62 -12.47 1.12
C LEU A 51 -11.36 -12.53 -0.20
N PRO A 52 -12.46 -13.30 -0.25
CA PRO A 52 -13.30 -13.31 -1.45
C PRO A 52 -14.03 -11.96 -1.59
N PRO A 53 -14.53 -11.64 -2.77
CA PRO A 53 -15.09 -10.31 -3.04
C PRO A 53 -16.28 -9.96 -2.17
N GLU A 54 -17.11 -10.92 -1.82
CA GLU A 54 -18.27 -10.61 -0.97
C GLU A 54 -17.87 -10.30 0.47
N GLU A 55 -16.59 -10.52 0.80
CA GLU A 55 -16.03 -10.12 2.09
C GLU A 55 -15.07 -8.93 1.97
N GLY A 56 -15.04 -8.29 0.81
CA GLY A 56 -14.26 -7.08 0.62
C GLY A 56 -12.88 -7.29 0.07
N GLY A 57 -12.51 -8.51 -0.31
CA GLY A 57 -11.24 -8.76 -0.95
C GLY A 57 -11.37 -8.97 -2.44
N LEU A 58 -10.28 -9.45 -3.05
CA LEU A 58 -10.23 -9.72 -4.47
C LEU A 58 -9.69 -11.11 -4.75
N ASN A 59 -9.76 -12.02 -3.79
N ASN A 59 -9.71 -11.95 -3.72
CA ASN A 59 -9.12 -13.35 -3.91
CA ASN A 59 -9.17 -13.28 -3.82
C ASN A 59 -7.72 -13.24 -4.46
C ASN A 59 -7.79 -13.21 -4.45
N GLY A 60 -6.98 -12.28 -3.95
CA GLY A 60 -5.74 -11.92 -4.59
C GLY A 60 -4.49 -12.27 -3.83
N SER A 61 -3.40 -12.33 -4.58
N SER A 61 -3.39 -12.35 -4.55
CA SER A 61 -2.05 -12.45 -4.06
CA SER A 61 -2.10 -12.44 -3.88
C SER A 61 -1.42 -11.06 -3.90
C SER A 61 -1.48 -11.05 -3.80
N VAL A 62 -0.33 -11.00 -3.13
CA VAL A 62 0.30 -9.78 -2.74
C VAL A 62 1.77 -9.78 -3.13
N MET A 63 2.30 -8.66 -3.56
CA MET A 63 3.74 -8.45 -3.65
C MET A 63 4.09 -7.25 -2.79
N TRP A 64 5.21 -7.33 -2.08
CA TRP A 64 5.58 -6.35 -1.07
C TRP A 64 7.06 -6.04 -1.22
N ILE A 65 7.34 -4.76 -1.47
CA ILE A 65 8.71 -4.21 -1.55
C ILE A 65 8.92 -3.36 -0.30
N ASP A 66 9.85 -3.80 0.54
CA ASP A 66 10.15 -3.19 1.83
C ASP A 66 11.47 -2.47 1.73
N THR A 67 11.50 -1.23 2.22
CA THR A 67 12.76 -0.46 2.24
C THR A 67 13.28 -0.17 3.66
N GLU A 68 12.51 -0.50 4.69
CA GLU A 68 12.82 -0.14 6.07
C GLU A 68 12.80 -1.33 7.02
N ASN A 69 12.77 -2.54 6.49
CA ASN A 69 12.69 -3.77 7.32
C ASN A 69 11.50 -3.78 8.27
N THR A 70 10.37 -3.23 7.82
CA THR A 70 9.22 -3.06 8.66
C THR A 70 8.13 -4.11 8.42
N PHE A 71 8.30 -4.97 7.41
CA PHE A 71 7.34 -6.06 7.24
C PHE A 71 7.49 -7.03 8.39
N ARG A 72 6.34 -7.41 8.98
N ARG A 72 6.35 -7.40 9.00
CA ARG A 72 6.32 -8.32 10.13
CA ARG A 72 6.33 -8.29 10.15
C ARG A 72 5.40 -9.49 9.85
C ARG A 72 5.41 -9.49 9.89
N PRO A 73 5.98 -10.64 9.51
CA PRO A 73 5.13 -11.81 9.26
C PRO A 73 4.24 -12.15 10.46
N GLU A 74 4.72 -11.90 11.67
CA GLU A 74 3.90 -12.16 12.85
C GLU A 74 2.65 -11.30 12.90
N ARG A 75 2.73 -10.08 12.39
CA ARG A 75 1.57 -9.21 12.34
C ARG A 75 0.55 -9.73 11.33
N ILE A 76 1.03 -10.18 10.16
CA ILE A 76 0.14 -10.82 9.19
C ILE A 76 -0.55 -12.01 9.85
N ARG A 77 0.22 -12.82 10.55
CA ARG A 77 -0.32 -13.99 11.21
C ARG A 77 -1.46 -13.61 12.16
N GLU A 78 -1.23 -12.59 12.97
CA GLU A 78 -2.22 -12.13 13.94
C GLU A 78 -3.51 -11.67 13.25
N ILE A 79 -3.37 -10.81 12.24
CA ILE A 79 -4.52 -10.27 11.52
C ILE A 79 -5.32 -11.40 10.86
N ALA A 80 -4.60 -12.29 10.20
CA ALA A 80 -5.25 -13.41 9.52
C ALA A 80 -6.03 -14.28 10.51
N GLN A 81 -5.39 -14.69 11.60
N GLN A 81 -5.40 -14.67 11.61
CA GLN A 81 -6.05 -15.59 12.55
CA GLN A 81 -6.05 -15.62 12.54
C GLN A 81 -7.32 -14.93 13.06
C GLN A 81 -7.22 -14.98 13.29
N ASN A 82 -7.20 -13.67 13.44
CA ASN A 82 -8.31 -12.98 14.07
C ASN A 82 -9.43 -12.65 13.10
N ARG A 83 -9.22 -12.93 11.82
CA ARG A 83 -10.26 -12.79 10.80
C ARG A 83 -10.71 -14.14 10.23
N GLY A 84 -10.36 -15.22 10.91
CA GLY A 84 -10.87 -16.54 10.53
C GLY A 84 -10.05 -17.25 9.46
N LEU A 85 -8.87 -16.71 9.16
CA LEU A 85 -8.05 -17.22 8.06
C LEU A 85 -6.86 -17.99 8.56
N ASP A 86 -6.32 -18.86 7.70
CA ASP A 86 -5.14 -19.63 8.05
C ASP A 86 -3.90 -18.75 7.88
N PRO A 87 -3.18 -18.48 8.96
CA PRO A 87 -2.04 -17.56 8.84
C PRO A 87 -0.97 -18.02 7.88
N ASP A 88 -0.67 -19.31 7.83
CA ASP A 88 0.35 -19.80 6.92
C ASP A 88 -0.04 -19.68 5.45
N GLU A 89 -1.31 -19.91 5.14
CA GLU A 89 -1.78 -19.72 3.77
C GLU A 89 -1.77 -18.24 3.35
N VAL A 90 -2.17 -17.37 4.27
CA VAL A 90 -2.16 -15.94 3.99
C VAL A 90 -0.70 -15.51 3.72
N LEU A 91 0.23 -15.97 4.55
CA LEU A 91 1.64 -15.64 4.33
C LEU A 91 2.15 -16.18 3.00
N LYS A 92 1.69 -17.36 2.62
CA LYS A 92 2.15 -18.00 1.40
C LYS A 92 1.87 -17.13 0.20
N HIS A 93 0.76 -16.40 0.22
CA HIS A 93 0.34 -15.57 -0.90
C HIS A 93 0.88 -14.16 -0.87
N ILE A 94 1.86 -13.92 -0.01
CA ILE A 94 2.64 -12.68 -0.01
C ILE A 94 4.03 -13.02 -0.54
N ALA A 95 4.43 -12.33 -1.61
CA ALA A 95 5.78 -12.41 -2.13
C ALA A 95 6.51 -11.15 -1.73
N TYR A 96 7.66 -11.31 -1.09
CA TYR A 96 8.32 -10.24 -0.37
C TYR A 96 9.75 -10.05 -0.86
N ALA A 97 10.16 -8.78 -1.01
CA ALA A 97 11.53 -8.43 -1.33
C ALA A 97 11.92 -7.18 -0.59
N ARG A 98 13.15 -7.14 -0.09
CA ARG A 98 13.75 -5.96 0.46
C ARG A 98 14.55 -5.25 -0.62
N ALA A 99 14.26 -3.96 -0.76
CA ALA A 99 15.00 -3.10 -1.67
C ALA A 99 16.22 -2.52 -0.96
N PHE A 100 17.40 -2.74 -1.53
CA PHE A 100 18.65 -2.33 -0.92
C PHE A 100 18.90 -0.82 -1.01
N ASN A 101 18.45 -0.23 -2.13
CA ASN A 101 18.64 1.18 -2.42
C ASN A 101 17.60 1.58 -3.43
N SER A 102 17.53 2.85 -3.85
CA SER A 102 16.45 3.28 -4.73
C SER A 102 16.58 2.67 -6.12
N ASN A 103 17.79 2.41 -6.59
CA ASN A 103 17.93 1.80 -7.89
C ASN A 103 17.47 0.35 -7.93
N HIS A 104 17.73 -0.37 -6.83
CA HIS A 104 17.23 -1.73 -6.69
C HIS A 104 15.71 -1.73 -6.53
N GLN A 105 15.18 -0.77 -5.77
CA GLN A 105 13.75 -0.58 -5.63
C GLN A 105 13.09 -0.44 -7.00
N MET A 106 13.72 0.35 -7.88
N MET A 106 13.72 0.34 -7.87
CA MET A 106 13.18 0.57 -9.22
CA MET A 106 13.19 0.55 -9.21
C MET A 106 13.24 -0.70 -10.05
C MET A 106 13.22 -0.73 -10.01
N LEU A 107 14.34 -1.44 -9.96
CA LEU A 107 14.46 -2.71 -10.68
C LEU A 107 13.47 -3.75 -10.16
N LEU A 108 13.19 -3.76 -8.86
CA LEU A 108 12.24 -4.70 -8.27
C LEU A 108 10.87 -4.58 -8.88
N VAL A 109 10.51 -3.40 -9.37
CA VAL A 109 9.21 -3.28 -10.08
C VAL A 109 9.19 -4.09 -11.40
N GLN A 110 10.28 -4.05 -12.15
CA GLN A 110 10.43 -4.96 -13.29
C GLN A 110 10.45 -6.42 -12.91
N GLN A 111 11.15 -6.75 -11.84
CA GLN A 111 11.19 -8.11 -11.37
C GLN A 111 9.77 -8.55 -11.03
N ALA A 112 8.99 -7.66 -10.42
CA ALA A 112 7.64 -8.04 -9.98
C ALA A 112 6.74 -8.45 -11.11
N GLU A 113 6.94 -7.87 -12.29
CA GLU A 113 6.10 -8.15 -13.43
C GLU A 113 6.14 -9.64 -13.82
N ASP A 114 7.26 -10.30 -13.58
CA ASP A 114 7.33 -11.71 -13.91
C ASP A 114 6.32 -12.55 -13.12
N MET A 115 6.25 -12.31 -11.82
N MET A 115 6.25 -12.34 -11.81
N MET A 115 6.23 -12.33 -11.82
CA MET A 115 5.33 -13.03 -10.96
CA MET A 115 5.29 -13.08 -10.99
CA MET A 115 5.30 -13.10 -11.01
C MET A 115 3.88 -12.65 -11.26
C MET A 115 3.87 -12.67 -11.34
C MET A 115 3.85 -12.63 -11.18
N ILE A 116 3.66 -11.37 -11.57
CA ILE A 116 2.34 -10.89 -11.93
C ILE A 116 1.85 -11.65 -13.17
N LYS A 117 2.69 -11.76 -14.17
CA LYS A 117 2.32 -12.49 -15.38
C LYS A 117 2.07 -13.96 -15.08
N GLU A 118 2.91 -14.55 -14.24
CA GLU A 118 2.77 -15.97 -13.90
C GLU A 118 1.41 -16.22 -13.26
N LEU A 119 0.98 -15.36 -12.36
CA LEU A 119 -0.22 -15.62 -11.57
C LEU A 119 -1.51 -15.11 -12.19
N LEU A 120 -1.39 -14.43 -13.32
CA LEU A 120 -2.49 -13.61 -13.84
C LEU A 120 -3.78 -14.34 -14.11
N ASN A 121 -3.67 -15.52 -14.69
CA ASN A 121 -4.87 -16.26 -15.09
C ASN A 121 -5.06 -17.50 -14.18
N THR A 122 -4.42 -17.50 -13.00
CA THR A 122 -4.72 -18.43 -11.87
C THR A 122 -5.82 -17.90 -10.99
N ASP A 123 -6.24 -18.65 -9.97
CA ASP A 123 -7.36 -18.18 -9.15
C ASP A 123 -6.96 -17.19 -8.07
N ARG A 124 -5.66 -16.95 -7.90
CA ARG A 124 -5.19 -15.90 -6.99
C ARG A 124 -4.16 -15.00 -7.71
N PRO A 125 -4.63 -14.22 -8.69
CA PRO A 125 -3.73 -13.25 -9.35
C PRO A 125 -3.23 -12.21 -8.38
N VAL A 126 -2.10 -11.59 -8.68
CA VAL A 126 -1.66 -10.50 -7.85
C VAL A 126 -2.70 -9.39 -7.94
N LYS A 127 -3.14 -8.90 -6.78
N LYS A 127 -3.12 -8.88 -6.78
CA LYS A 127 -4.11 -7.80 -6.74
CA LYS A 127 -4.10 -7.78 -6.74
C LYS A 127 -3.64 -6.62 -5.89
C LYS A 127 -3.67 -6.62 -5.85
N LEU A 128 -2.53 -6.76 -5.17
CA LEU A 128 -2.00 -5.72 -4.32
C LEU A 128 -0.48 -5.72 -4.40
N LEU A 129 0.09 -4.56 -4.69
CA LEU A 129 1.53 -4.33 -4.68
C LEU A 129 1.79 -3.20 -3.72
N ILE A 130 2.54 -3.51 -2.66
CA ILE A 130 2.90 -2.55 -1.61
C ILE A 130 4.34 -2.10 -1.80
N VAL A 131 4.58 -0.79 -1.70
CA VAL A 131 5.92 -0.25 -1.62
C VAL A 131 5.98 0.58 -0.33
N ASP A 132 6.74 0.09 0.64
CA ASP A 132 6.79 0.68 1.99
C ASP A 132 8.26 0.68 2.39
N SER A 133 8.97 1.81 2.32
CA SER A 133 8.53 3.17 2.01
C SER A 133 8.81 3.50 0.56
N LEU A 134 7.89 4.17 -0.10
CA LEU A 134 8.14 4.66 -1.45
C LEU A 134 9.35 5.57 -1.53
N THR A 135 9.53 6.42 -0.53
CA THR A 135 10.40 7.56 -0.65
C THR A 135 11.68 7.52 0.19
N SER A 136 11.77 6.62 1.17
CA SER A 136 12.88 6.66 2.14
C SER A 136 14.25 6.56 1.46
N HIS A 137 14.44 5.66 0.50
CA HIS A 137 15.74 5.60 -0.16
C HIS A 137 16.02 6.85 -1.00
N PHE A 138 14.99 7.36 -1.67
CA PHE A 138 15.15 8.55 -2.48
C PHE A 138 15.56 9.74 -1.62
N ARG A 139 14.98 9.85 -0.44
CA ARG A 139 15.33 10.91 0.49
C ARG A 139 16.78 10.83 0.96
N SER A 140 17.28 9.63 1.22
N SER A 140 17.24 9.60 1.21
N SER A 140 17.25 9.61 1.22
CA SER A 140 18.64 9.53 1.73
CA SER A 140 18.59 9.35 1.70
CA SER A 140 18.60 9.40 1.70
C SER A 140 19.68 9.65 0.62
C SER A 140 19.64 9.66 0.63
C SER A 140 19.63 9.71 0.61
N GLU A 141 19.35 9.24 -0.60
CA GLU A 141 20.31 9.27 -1.72
C GLU A 141 20.37 10.58 -2.49
N TYR A 142 19.24 11.24 -2.70
CA TYR A 142 19.17 12.42 -3.53
C TYR A 142 18.93 13.58 -2.61
N ILE A 143 20.02 14.23 -2.24
CA ILE A 143 19.99 15.22 -1.18
C ILE A 143 21.01 16.31 -1.46
N GLY A 144 20.64 17.56 -1.16
CA GLY A 144 21.50 18.72 -1.38
C GLY A 144 21.18 19.43 -2.67
N ARG A 145 22.00 20.43 -2.99
N ARG A 145 21.99 20.44 -2.99
CA ARG A 145 21.77 21.29 -4.14
CA ARG A 145 21.74 21.30 -4.14
C ARG A 145 21.66 20.45 -5.40
C ARG A 145 21.66 20.46 -5.41
N GLY A 146 20.59 20.66 -6.16
CA GLY A 146 20.32 19.90 -7.39
C GLY A 146 19.45 18.67 -7.19
N ALA A 147 19.28 18.26 -5.96
CA ALA A 147 18.61 17.00 -5.70
C ALA A 147 17.12 17.09 -5.87
N LEU A 148 16.49 18.23 -5.64
CA LEU A 148 15.04 18.27 -5.74
C LEU A 148 14.60 17.84 -7.13
N ALA A 149 15.20 18.40 -8.17
CA ALA A 149 14.81 18.10 -9.53
C ALA A 149 15.11 16.64 -9.87
N GLU A 150 16.31 16.20 -9.51
CA GLU A 150 16.74 14.83 -9.84
C GLU A 150 15.88 13.79 -9.13
N ARG A 151 15.66 14.01 -7.86
CA ARG A 151 14.87 13.10 -7.06
C ARG A 151 13.44 13.04 -7.60
N GLN A 152 12.86 14.19 -7.91
CA GLN A 152 11.50 14.21 -8.41
C GLN A 152 11.37 13.50 -9.74
N GLN A 153 12.39 13.60 -10.57
CA GLN A 153 12.40 12.93 -11.86
C GLN A 153 12.44 11.42 -11.66
N LYS A 154 13.34 10.93 -10.80
CA LYS A 154 13.49 9.50 -10.59
C LYS A 154 12.25 8.92 -9.95
N LEU A 155 11.71 9.62 -8.96
CA LEU A 155 10.50 9.18 -8.32
C LEU A 155 9.32 9.16 -9.28
N ALA A 156 9.18 10.14 -10.16
CA ALA A 156 8.11 10.15 -11.13
C ALA A 156 8.23 8.96 -12.07
N LYS A 157 9.44 8.60 -12.47
CA LYS A 157 9.65 7.46 -13.34
C LYS A 157 9.26 6.15 -12.63
N HIS A 158 9.68 6.01 -11.38
CA HIS A 158 9.30 4.86 -10.56
C HIS A 158 7.78 4.77 -10.46
N LEU A 159 7.13 5.89 -10.19
N LEU A 159 7.11 5.89 -10.19
CA LEU A 159 5.68 5.93 -10.10
CA LEU A 159 5.66 5.89 -10.07
C LEU A 159 5.04 5.58 -11.44
C LEU A 159 5.01 5.60 -11.44
N ALA A 160 5.62 6.04 -12.54
CA ALA A 160 5.09 5.67 -13.85
C ALA A 160 5.15 4.15 -14.06
N ASP A 161 6.24 3.52 -13.63
CA ASP A 161 6.38 2.08 -13.75
C ASP A 161 5.30 1.39 -12.90
N LEU A 162 5.04 1.93 -11.72
CA LEU A 162 4.02 1.37 -10.84
C LEU A 162 2.62 1.56 -11.43
N HIS A 163 2.35 2.74 -11.99
CA HIS A 163 1.07 2.98 -12.65
C HIS A 163 0.86 1.99 -13.78
N ARG A 164 1.90 1.70 -14.55
CA ARG A 164 1.77 0.74 -15.64
C ARG A 164 1.37 -0.62 -15.10
N LEU A 165 2.01 -1.09 -14.03
CA LEU A 165 1.59 -2.37 -13.47
C LEU A 165 0.16 -2.35 -12.97
N ALA A 166 -0.21 -1.30 -12.26
CA ALA A 166 -1.56 -1.17 -11.74
C ALA A 166 -2.58 -1.26 -12.86
N ASN A 167 -2.31 -0.56 -13.95
CA ASN A 167 -3.27 -0.39 -15.01
C ASN A 167 -3.28 -1.56 -15.98
N LEU A 168 -2.12 -2.12 -16.25
CA LEU A 168 -2.01 -3.19 -17.23
C LEU A 168 -2.54 -4.49 -16.63
N TYR A 169 -2.34 -4.72 -15.35
CA TYR A 169 -2.64 -6.00 -14.71
C TYR A 169 -3.74 -5.94 -13.67
N ASP A 170 -4.42 -4.81 -13.58
CA ASP A 170 -5.56 -4.62 -12.67
C ASP A 170 -5.17 -4.90 -11.22
N ILE A 171 -4.20 -4.12 -10.75
CA ILE A 171 -3.63 -4.26 -9.41
C ILE A 171 -3.83 -2.96 -8.65
N ALA A 172 -4.09 -3.05 -7.35
CA ALA A 172 -4.02 -1.91 -6.46
C ALA A 172 -2.59 -1.76 -5.98
N VAL A 173 -2.00 -0.59 -6.25
CA VAL A 173 -0.69 -0.25 -5.72
C VAL A 173 -0.88 0.66 -4.52
N PHE A 174 -0.28 0.26 -3.40
CA PHE A 174 -0.38 0.99 -2.14
C PHE A 174 1.01 1.35 -1.66
N VAL A 175 1.26 2.64 -1.46
CA VAL A 175 2.60 3.13 -1.16
C VAL A 175 2.55 4.03 0.06
N THR A 176 3.65 4.04 0.82
CA THR A 176 3.73 4.85 2.02
C THR A 176 4.80 5.94 1.85
N ASN A 177 4.62 7.04 2.57
CA ASN A 177 5.52 8.18 2.50
C ASN A 177 5.52 8.89 3.84
N GLN A 178 6.69 8.93 4.48
CA GLN A 178 6.81 9.59 5.78
C GLN A 178 7.03 11.09 5.59
N VAL A 179 6.15 11.89 6.17
CA VAL A 179 6.15 13.33 5.99
C VAL A 179 6.07 13.97 7.34
N GLN A 180 6.95 14.96 7.53
CA GLN A 180 7.07 15.71 8.77
C GLN A 180 6.01 16.80 8.78
N ILE A 186 5.35 21.31 -0.81
CA ILE A 186 5.55 22.03 -2.06
C ILE A 186 5.85 21.10 -3.25
N LEU A 187 6.22 19.86 -2.99
CA LEU A 187 6.60 18.95 -4.08
C LEU A 187 5.42 18.39 -4.84
N ALA A 188 5.62 18.17 -6.13
CA ALA A 188 4.65 17.45 -6.93
C ALA A 188 4.53 16.00 -6.50
N HIS A 189 3.35 15.44 -6.70
CA HIS A 189 3.11 14.01 -6.41
C HIS A 189 2.34 13.46 -7.61
N SER A 190 2.55 12.20 -7.94
CA SER A 190 1.82 11.60 -9.06
C SER A 190 1.04 10.34 -8.72
N ALA A 191 0.87 10.05 -7.43
CA ALA A 191 -0.07 9.00 -7.02
C ALA A 191 -1.47 9.39 -7.47
N THR A 192 -2.32 8.39 -7.66
CA THR A 192 -3.72 8.62 -8.01
C THR A 192 -4.48 9.32 -6.89
N LEU A 193 -4.30 8.83 -5.67
CA LEU A 193 -5.04 9.30 -4.53
C LEU A 193 -4.09 9.39 -3.35
N ARG A 194 -4.13 10.50 -2.63
CA ARG A 194 -3.28 10.74 -1.47
C ARG A 194 -4.13 10.85 -0.22
N VAL A 195 -3.77 10.06 0.78
CA VAL A 195 -4.49 9.96 2.04
C VAL A 195 -3.54 10.37 3.15
N TYR A 196 -3.87 11.44 3.86
CA TYR A 196 -3.12 11.91 5.00
C TYR A 196 -3.58 11.18 6.25
N LEU A 197 -2.64 10.56 6.94
N LEU A 197 -2.67 10.47 6.91
CA LEU A 197 -2.91 9.79 8.14
CA LEU A 197 -2.94 9.80 8.19
C LEU A 197 -2.18 10.41 9.32
C LEU A 197 -2.29 10.55 9.33
N ARG A 198 -2.87 10.50 10.44
N ARG A 198 -2.93 10.52 10.49
CA ARG A 198 -2.28 11.02 11.67
CA ARG A 198 -2.30 11.03 11.70
C ARG A 198 -2.79 10.24 12.87
C ARG A 198 -2.80 10.26 12.89
N LYS A 199 -1.98 10.25 13.93
CA LYS A 199 -2.30 9.63 15.19
C LYS A 199 -2.83 10.74 16.07
N GLY A 200 -4.08 10.62 16.52
CA GLY A 200 -4.69 11.65 17.35
C GLY A 200 -4.90 11.25 18.79
N LYS A 201 -5.75 12.02 19.48
CA LYS A 201 -6.09 11.73 20.87
C LYS A 201 -6.51 10.29 21.07
N GLY A 202 -6.06 9.70 22.18
CA GLY A 202 -6.38 8.33 22.53
C GLY A 202 -5.69 7.27 21.68
N GLY A 203 -4.88 7.71 20.72
CA GLY A 203 -4.29 6.79 19.77
C GLY A 203 -5.22 6.35 18.64
N LYS A 204 -6.36 7.02 18.49
CA LYS A 204 -7.18 6.79 17.30
C LYS A 204 -6.37 7.26 16.11
N ARG A 205 -6.56 6.62 14.95
N ARG A 205 -6.59 6.65 14.94
CA ARG A 205 -5.95 7.11 13.72
CA ARG A 205 -5.97 7.12 13.71
C ARG A 205 -7.03 7.85 12.94
C ARG A 205 -7.02 7.79 12.86
N ILE A 206 -6.64 8.91 12.25
CA ILE A 206 -7.53 9.77 11.51
C ILE A 206 -6.99 9.92 10.11
N ALA A 207 -7.85 9.71 9.11
CA ALA A 207 -7.50 9.81 7.70
C ALA A 207 -8.31 10.86 7.00
N ARG A 208 -7.66 11.60 6.10
N ARG A 208 -7.66 11.59 6.10
CA ARG A 208 -8.31 12.60 5.29
CA ARG A 208 -8.29 12.63 5.30
C ARG A 208 -7.77 12.48 3.87
C ARG A 208 -7.77 12.54 3.88
N LEU A 209 -8.64 12.68 2.89
CA LEU A 209 -8.22 12.73 1.48
C LEU A 209 -7.66 14.09 1.15
N ILE A 210 -6.60 14.13 0.38
CA ILE A 210 -5.91 15.37 0.07
C ILE A 210 -6.06 15.64 -1.42
N ASP A 211 -6.47 16.87 -1.71
CA ASP A 211 -6.55 17.35 -3.08
C ASP A 211 -7.46 16.44 -3.90
N ALA A 212 -8.61 16.08 -3.32
CA ALA A 212 -9.61 15.25 -4.00
C ALA A 212 -11.00 15.86 -3.84
N PRO A 213 -11.24 17.03 -4.45
CA PRO A 213 -12.43 17.87 -4.19
C PRO A 213 -13.77 17.19 -4.48
N HIS A 214 -13.77 16.16 -5.32
CA HIS A 214 -15.01 15.49 -5.71
C HIS A 214 -15.26 14.22 -4.95
N LEU A 215 -14.33 13.87 -4.07
CA LEU A 215 -14.45 12.71 -3.20
C LEU A 215 -14.83 13.20 -1.80
N PRO A 216 -15.18 12.26 -0.90
CA PRO A 216 -15.73 12.68 0.39
C PRO A 216 -14.84 13.64 1.13
N GLU A 217 -15.47 14.72 1.55
CA GLU A 217 -14.87 15.60 2.49
C GLU A 217 -15.35 15.01 3.80
N GLY A 218 -14.49 15.10 4.78
CA GLY A 218 -14.70 14.45 6.04
C GLY A 218 -13.44 13.70 6.37
N GLU A 219 -13.45 13.13 7.55
CA GLU A 219 -12.35 12.34 8.02
C GLU A 219 -12.85 11.02 8.53
N ALA A 220 -12.10 9.97 8.23
CA ALA A 220 -12.34 8.64 8.77
C ALA A 220 -11.49 8.46 10.03
N VAL A 221 -12.02 7.70 10.97
CA VAL A 221 -11.32 7.42 12.22
C VAL A 221 -11.38 5.92 12.40
N PHE A 222 -10.27 5.34 12.83
CA PHE A 222 -10.19 3.90 13.04
C PHE A 222 -9.17 3.59 14.10
N SER A 223 -9.20 2.36 14.58
CA SER A 223 -8.28 1.85 15.58
C SER A 223 -7.40 0.77 15.03
N ILE A 224 -6.18 0.67 15.56
CA ILE A 224 -5.29 -0.43 15.28
C ILE A 224 -5.61 -1.52 16.28
N THR A 225 -5.97 -2.68 15.77
CA THR A 225 -6.39 -3.81 16.63
C THR A 225 -5.77 -5.11 16.16
N GLU A 226 -6.10 -6.18 16.88
CA GLU A 226 -5.65 -7.53 16.50
C GLU A 226 -6.21 -8.00 15.13
N LYS A 227 -7.26 -7.33 14.63
CA LYS A 227 -7.79 -7.59 13.29
C LYS A 227 -7.17 -6.68 12.21
N GLY A 228 -6.15 -5.93 12.55
CA GLY A 228 -5.54 -4.97 11.64
C GLY A 228 -6.05 -3.59 12.00
N ILE A 229 -7.09 -3.14 11.32
CA ILE A 229 -7.79 -1.93 11.71
C ILE A 229 -9.29 -2.22 11.75
N GLU A 230 -9.98 -1.45 12.59
CA GLU A 230 -11.42 -1.58 12.77
C GLU A 230 -11.94 -0.23 13.16
N ASP A 231 -13.22 -0.03 12.95
CA ASP A 231 -13.86 1.15 13.49
C ASP A 231 -13.80 1.18 15.00
N PHE B 2 11.94 -11.83 -5.11
CA PHE B 2 10.78 -12.05 -4.27
C PHE B 2 10.72 -13.49 -3.76
N HIS B 3 10.34 -13.65 -2.50
CA HIS B 3 10.18 -14.96 -1.90
C HIS B 3 8.90 -15.00 -1.13
N THR B 4 8.30 -16.17 -1.09
CA THR B 4 7.10 -16.36 -0.29
C THR B 4 7.36 -16.04 1.18
#